data_4ERV
#
_entry.id   4ERV
#
_cell.length_a   93.570
_cell.length_b   58.540
_cell.length_c   47.460
_cell.angle_alpha   90.000
_cell.angle_beta   97.210
_cell.angle_gamma   90.000
#
_symmetry.space_group_name_H-M   'C 1 2 1'
#
loop_
_entity.id
_entity.type
_entity.pdbx_description
1 polymer 'Ryanodine receptor 3'
2 non-polymer 'SULFATE ION'
3 non-polymer GLYCEROL
4 water water
#
_entity_poly.entity_id   1
_entity_poly.type   'polypeptide(L)'
_entity_poly.pdbx_seq_one_letter_code
;SNANFDPKPINTMNFSLPEKLEYIVTKYAEHSHDKWACDKSQSGWKYGISLDENVKTHPLIRPFKTLTEKEKEIYRWPAR
ESLKTMLAVGWTVERTKEGEALVQQRENEKLRSVSQANQGNSYSPAPLDLSNVVLSRELQGMVEVVAENYHNIWAKKKKL
ELESKGGGSHPLLVPYDTLTAAEKFKDREKAQDLFKFLQVNGIIVSR
;
_entity_poly.pdbx_strand_id   A
#
loop_
_chem_comp.id
_chem_comp.type
_chem_comp.name
_chem_comp.formula
GOL non-polymer GLYCEROL 'C3 H8 O3'
SO4 non-polymer 'SULFATE ION' 'O4 S -2'
#
# COMPACT_ATOMS: atom_id res chain seq x y z
N PHE A 5 -1.18 26.24 9.26
CA PHE A 5 -0.82 24.95 8.59
C PHE A 5 -1.37 24.90 7.17
N ASP A 6 -0.46 24.75 6.21
CA ASP A 6 -0.79 24.72 4.79
C ASP A 6 -0.15 23.49 4.15
N PRO A 7 -0.83 22.32 4.24
CA PRO A 7 -0.22 21.07 3.76
C PRO A 7 -0.10 21.06 2.25
N LYS A 8 1.06 20.66 1.78
CA LYS A 8 1.33 20.60 0.35
C LYS A 8 1.75 19.18 -0.05
N PRO A 9 0.84 18.40 -0.63
CA PRO A 9 1.22 17.08 -1.14
C PRO A 9 2.34 17.17 -2.20
N ILE A 10 3.19 16.15 -2.24
CA ILE A 10 4.18 15.99 -3.31
C ILE A 10 3.44 15.76 -4.63
N ASN A 11 3.64 16.66 -5.58
CA ASN A 11 2.88 16.54 -6.84
C ASN A 11 3.54 15.59 -7.83
N THR A 12 2.79 14.58 -8.26
CA THR A 12 3.30 13.50 -9.13
C THR A 12 3.03 13.76 -10.62
N MET A 13 2.52 14.95 -10.96
CA MET A 13 2.15 15.20 -12.37
C MET A 13 3.35 14.93 -13.27
N ASN A 14 3.06 14.26 -14.40
CA ASN A 14 4.03 14.03 -15.47
C ASN A 14 5.03 12.91 -15.19
N PHE A 15 4.92 12.25 -14.03
CA PHE A 15 5.69 11.03 -13.80
C PHE A 15 4.89 9.82 -14.25
N SER A 16 5.58 8.87 -14.84
CA SER A 16 4.96 7.64 -15.31
C SER A 16 5.86 6.48 -14.86
N LEU A 17 5.28 5.35 -14.45
CA LEU A 17 6.13 4.22 -14.07
C LEU A 17 6.53 3.39 -15.29
N PRO A 18 7.80 2.93 -15.35
CA PRO A 18 8.08 1.94 -16.38
C PRO A 18 7.32 0.63 -16.15
N GLU A 19 7.12 -0.14 -17.20
CA GLU A 19 6.38 -1.40 -17.13
C GLU A 19 6.85 -2.35 -16.03
N LYS A 20 8.17 -2.44 -15.84
CA LYS A 20 8.77 -3.31 -14.81
C LYS A 20 8.31 -2.95 -13.41
N LEU A 21 8.09 -1.65 -13.17
CA LEU A 21 7.56 -1.19 -11.89
C LEU A 21 6.05 -1.32 -11.79
N GLU A 22 5.35 -1.21 -12.91
CA GLU A 22 3.91 -1.45 -12.92
C GLU A 22 3.66 -2.92 -12.57
N TYR A 23 4.56 -3.80 -12.99
CA TYR A 23 4.45 -5.21 -12.63
C TYR A 23 4.57 -5.43 -11.11
N ILE A 24 5.50 -4.70 -10.49
CA ILE A 24 5.64 -4.72 -9.03
C ILE A 24 4.37 -4.17 -8.37
N VAL A 25 3.79 -3.12 -8.96
CA VAL A 25 2.49 -2.60 -8.49
C VAL A 25 1.44 -3.71 -8.42
N THR A 26 1.35 -4.49 -9.49
CA THR A 26 0.38 -5.56 -9.53
C THR A 26 0.66 -6.66 -8.52
N LYS A 27 1.92 -7.02 -8.33
CA LYS A 27 2.29 -7.97 -7.28
C LYS A 27 1.95 -7.45 -5.89
N TYR A 28 2.18 -6.15 -5.66
CA TYR A 28 1.85 -5.59 -4.37
C TYR A 28 0.34 -5.52 -4.13
N ALA A 29 -0.41 -5.23 -5.20
CA ALA A 29 -1.87 -5.25 -5.15
C ALA A 29 -2.38 -6.62 -4.70
N GLU A 30 -1.78 -7.67 -5.27
CA GLU A 30 -2.18 -9.03 -4.93
C GLU A 30 -1.80 -9.34 -3.47
N HIS A 31 -0.62 -8.88 -3.07
CA HIS A 31 -0.22 -8.97 -1.67
C HIS A 31 -1.24 -8.33 -0.74
N SER A 32 -1.63 -7.08 -1.02
CA SER A 32 -2.60 -6.31 -0.22
C SER A 32 -3.94 -7.04 -0.15
N HIS A 33 -4.38 -7.56 -1.29
CA HIS A 33 -5.63 -8.37 -1.32
C HIS A 33 -5.56 -9.65 -0.48
N ASP A 34 -4.45 -10.39 -0.60
CA ASP A 34 -4.30 -11.65 0.12
C ASP A 34 -4.25 -11.36 1.62
N LYS A 35 -3.61 -10.25 1.97
CA LYS A 35 -3.54 -9.80 3.36
C LYS A 35 -4.94 -9.53 3.89
N TRP A 36 -5.69 -8.70 3.16
CA TRP A 36 -7.07 -8.39 3.50
C TRP A 36 -7.93 -9.66 3.67
N ALA A 37 -7.85 -10.56 2.69
CA ALA A 37 -8.67 -11.78 2.71
C ALA A 37 -8.24 -12.77 3.79
N CYS A 38 -6.94 -12.88 4.03
CA CYS A 38 -6.43 -13.73 5.11
C CYS A 38 -7.00 -13.26 6.46
N ASP A 39 -6.87 -11.97 6.74
CA ASP A 39 -7.40 -11.34 7.95
C ASP A 39 -8.92 -11.58 8.08
N LYS A 40 -9.67 -11.29 7.02
CA LYS A 40 -11.10 -11.58 6.98
C LYS A 40 -11.45 -13.02 7.30
N SER A 41 -10.67 -13.96 6.75
CA SER A 41 -10.88 -15.39 6.97
CA SER A 41 -10.90 -15.37 6.98
C SER A 41 -10.67 -15.74 8.45
N GLN A 42 -9.61 -15.18 9.03
CA GLN A 42 -9.30 -15.38 10.46
C GLN A 42 -10.41 -14.83 11.35
N SER A 43 -11.00 -13.70 10.93
CA SER A 43 -12.17 -13.11 11.58
C SER A 43 -13.46 -13.91 11.41
N GLY A 44 -13.41 -15.01 10.67
CA GLY A 44 -14.56 -15.93 10.56
C GLY A 44 -15.38 -15.83 9.28
N TRP A 45 -14.88 -15.06 8.32
CA TRP A 45 -15.56 -14.89 7.02
C TRP A 45 -15.09 -15.93 6.00
N LYS A 46 -15.94 -16.21 5.01
CA LYS A 46 -15.58 -17.15 3.96
C LYS A 46 -16.17 -16.64 2.66
N TYR A 47 -15.70 -17.17 1.55
CA TYR A 47 -16.30 -16.83 0.25
C TYR A 47 -17.80 -17.11 0.22
N GLY A 48 -18.56 -16.20 -0.38
CA GLY A 48 -19.93 -16.49 -0.81
C GLY A 48 -20.21 -15.66 -2.04
N ILE A 49 -21.18 -16.08 -2.84
CA ILE A 49 -21.62 -15.31 -4.00
C ILE A 49 -22.14 -13.93 -3.58
N SER A 50 -22.80 -13.87 -2.43
CA SER A 50 -23.37 -12.64 -1.94
C SER A 50 -22.67 -12.21 -0.66
N LEU A 51 -22.58 -10.91 -0.46
CA LEU A 51 -22.12 -10.37 0.82
C LEU A 51 -23.25 -10.47 1.83
N ASP A 52 -23.00 -11.15 2.95
CA ASP A 52 -24.04 -11.34 3.96
C ASP A 52 -23.37 -11.38 5.32
N GLU A 53 -23.54 -10.32 6.09
CA GLU A 53 -22.96 -10.21 7.44
C GLU A 53 -23.45 -11.27 8.41
N ASN A 54 -24.72 -11.67 8.27
CA ASN A 54 -25.32 -12.67 9.17
C ASN A 54 -24.63 -14.02 9.09
N VAL A 55 -24.25 -14.45 7.88
CA VAL A 55 -23.53 -15.71 7.72
C VAL A 55 -22.04 -15.52 7.42
N LYS A 56 -21.60 -14.27 7.43
CA LYS A 56 -20.19 -13.90 7.15
C LYS A 56 -19.68 -14.49 5.83
N THR A 57 -20.41 -14.20 4.76
CA THR A 57 -19.91 -14.53 3.41
C THR A 57 -19.50 -13.23 2.73
N HIS A 58 -18.37 -13.26 2.03
CA HIS A 58 -17.87 -12.07 1.31
C HIS A 58 -17.35 -12.48 -0.06
N PRO A 59 -17.91 -11.90 -1.15
CA PRO A 59 -17.47 -12.33 -2.49
C PRO A 59 -16.01 -12.00 -2.85
N LEU A 60 -15.40 -11.05 -2.15
CA LEU A 60 -13.99 -10.73 -2.42
C LEU A 60 -12.99 -11.72 -1.84
N ILE A 61 -13.44 -12.65 -1.00
CA ILE A 61 -12.54 -13.72 -0.55
C ILE A 61 -12.40 -14.76 -1.65
N ARG A 62 -11.60 -14.40 -2.64
CA ARG A 62 -11.31 -15.24 -3.81
C ARG A 62 -9.97 -14.77 -4.42
N PRO A 63 -9.37 -15.59 -5.32
CA PRO A 63 -8.02 -15.26 -5.76
C PRO A 63 -7.99 -13.95 -6.52
N PHE A 64 -6.87 -13.25 -6.41
CA PHE A 64 -6.71 -11.96 -7.10
C PHE A 64 -7.00 -12.03 -8.59
N LYS A 65 -6.57 -13.12 -9.24
CA LYS A 65 -6.79 -13.26 -10.68
C LYS A 65 -8.27 -13.31 -11.08
N THR A 66 -9.15 -13.61 -10.12
CA THR A 66 -10.57 -13.72 -10.41
C THR A 66 -11.34 -12.44 -10.07
N LEU A 67 -10.63 -11.45 -9.54
CA LEU A 67 -11.23 -10.12 -9.35
C LEU A 67 -11.46 -9.45 -10.71
N THR A 68 -12.44 -8.57 -10.80
CA THR A 68 -12.59 -7.74 -11.98
C THR A 68 -11.39 -6.81 -12.16
N GLU A 69 -11.20 -6.30 -13.37
CA GLU A 69 -10.12 -5.34 -13.58
C GLU A 69 -10.27 -4.14 -12.65
N LYS A 70 -11.50 -3.64 -12.50
CA LYS A 70 -11.74 -2.54 -11.55
C LYS A 70 -11.41 -2.91 -10.11
N GLU A 71 -11.81 -4.11 -9.70
CA GLU A 71 -11.47 -4.59 -8.34
C GLU A 71 -9.95 -4.71 -8.14
N LYS A 72 -9.23 -5.16 -9.17
CA LYS A 72 -7.77 -5.15 -9.10
C LYS A 72 -7.20 -3.75 -8.98
N GLU A 73 -7.79 -2.83 -9.73
CA GLU A 73 -7.24 -1.47 -9.84
C GLU A 73 -7.39 -0.71 -8.53
N ILE A 74 -8.42 -1.05 -7.76
CA ILE A 74 -8.62 -0.46 -6.43
C ILE A 74 -7.42 -0.72 -5.51
N TYR A 75 -6.82 -1.90 -5.65
CA TYR A 75 -5.65 -2.27 -4.89
C TYR A 75 -4.35 -1.70 -5.52
N ARG A 76 -4.30 -1.62 -6.84
CA ARG A 76 -3.11 -1.07 -7.54
C ARG A 76 -2.91 0.42 -7.29
N TRP A 77 -4.01 1.17 -7.33
CA TRP A 77 -3.94 2.63 -7.40
C TRP A 77 -3.05 3.28 -6.31
N PRO A 78 -3.24 2.94 -5.02
CA PRO A 78 -2.42 3.62 -4.02
C PRO A 78 -0.92 3.27 -4.11
N ALA A 79 -0.62 2.03 -4.49
CA ALA A 79 0.78 1.61 -4.62
C ALA A 79 1.47 2.34 -5.79
N ARG A 80 0.76 2.46 -6.90
CA ARG A 80 1.27 3.19 -8.07
C ARG A 80 1.58 4.64 -7.70
N GLU A 81 0.64 5.28 -7.02
CA GLU A 81 0.85 6.69 -6.64
C GLU A 81 1.97 6.87 -5.61
N SER A 82 2.16 5.85 -4.75
CA SER A 82 3.23 5.89 -3.77
C SER A 82 4.59 5.82 -4.47
N LEU A 83 4.71 4.93 -5.46
CA LEU A 83 5.96 4.83 -6.23
C LEU A 83 6.24 6.11 -7.03
N LYS A 84 5.20 6.69 -7.65
CA LYS A 84 5.35 7.96 -8.36
C LYS A 84 5.83 9.06 -7.39
N THR A 85 5.32 9.03 -6.16
CA THR A 85 5.74 9.98 -5.14
C THR A 85 7.25 9.90 -4.84
N MET A 86 7.76 8.66 -4.73
CA MET A 86 9.19 8.40 -4.53
C MET A 86 10.04 9.01 -5.64
N LEU A 87 9.61 8.80 -6.88
CA LEU A 87 10.28 9.40 -8.04
C LEU A 87 10.23 10.93 -7.98
N ALA A 88 9.05 11.48 -7.66
CA ALA A 88 8.83 12.94 -7.64
C ALA A 88 9.64 13.68 -6.59
N VAL A 89 9.86 13.04 -5.44
CA VAL A 89 10.62 13.68 -4.37
C VAL A 89 12.14 13.53 -4.61
N GLY A 90 12.49 12.77 -5.64
CA GLY A 90 13.87 12.65 -6.13
C GLY A 90 14.59 11.34 -5.84
N TRP A 91 13.89 10.33 -5.36
CA TRP A 91 14.56 9.08 -5.05
C TRP A 91 14.66 8.20 -6.28
N THR A 92 15.60 7.26 -6.24
CA THR A 92 15.81 6.24 -7.25
C THR A 92 15.06 4.95 -6.88
N VAL A 93 14.32 4.38 -7.85
CA VAL A 93 13.57 3.13 -7.64
C VAL A 93 13.98 2.17 -8.75
N GLU A 94 14.78 1.17 -8.39
CA GLU A 94 15.40 0.31 -9.40
C GLU A 94 15.43 -1.18 -9.02
N ARG A 95 15.51 -2.04 -10.04
CA ARG A 95 15.72 -3.49 -9.85
C ARG A 95 17.12 -3.78 -9.31
N THR A 96 17.25 -4.78 -8.42
CA THR A 96 18.57 -5.25 -8.00
C THR A 96 19.00 -6.41 -8.89
N LYS A 97 20.31 -6.62 -8.97
CA LYS A 97 20.88 -7.82 -9.58
C LYS A 97 20.65 -9.02 -8.66
N GLY A 99 18.21 -9.70 -6.82
CA GLY A 99 16.87 -10.19 -6.54
C GLY A 99 16.04 -10.43 -7.78
N GLU A 100 16.71 -10.52 -8.93
CA GLU A 100 16.06 -10.56 -10.24
C GLU A 100 15.22 -11.80 -10.57
N ALA A 101 15.40 -12.89 -9.81
CA ALA A 101 14.69 -14.12 -10.10
C ALA A 101 13.57 -14.41 -9.10
N LEU A 102 13.59 -13.68 -7.98
CA LEU A 102 12.82 -14.05 -6.80
C LEU A 102 11.29 -13.98 -6.96
N VAL A 103 10.81 -12.93 -7.63
CA VAL A 103 9.37 -12.78 -7.82
C VAL A 103 8.82 -13.95 -8.63
N GLN A 104 9.52 -14.33 -9.70
CA GLN A 104 9.10 -15.45 -10.53
C GLN A 104 9.15 -16.80 -9.78
N GLN A 105 10.22 -17.00 -8.99
CA GLN A 105 10.35 -18.21 -8.16
C GLN A 105 9.19 -18.33 -7.17
N ARG A 106 8.86 -17.21 -6.53
CA ARG A 106 7.75 -17.18 -5.57
C ARG A 106 6.41 -17.49 -6.26
N GLU A 107 6.20 -16.96 -7.47
CA GLU A 107 4.97 -17.25 -8.23
C GLU A 107 4.89 -18.71 -8.68
N ASN A 108 6.00 -19.25 -9.18
CA ASN A 108 6.07 -20.67 -9.55
C ASN A 108 5.76 -21.57 -8.34
N GLU A 109 6.28 -21.19 -7.17
CA GLU A 109 6.06 -21.97 -5.94
C GLU A 109 4.59 -21.95 -5.51
N LYS A 110 3.98 -20.76 -5.54
CA LYS A 110 2.55 -20.62 -5.27
C LYS A 110 1.70 -21.58 -6.12
N LEU A 111 2.10 -21.78 -7.38
CA LEU A 111 1.34 -22.59 -8.33
C LEU A 111 1.63 -24.08 -8.31
N ARG A 112 2.77 -24.47 -7.72
CA ARG A 112 3.15 -25.88 -7.61
C ARG A 112 2.15 -26.65 -6.76
N SER A 113 1.70 -27.80 -7.24
CA SER A 113 0.80 -28.68 -6.47
C SER A 113 1.40 -30.07 -6.25
N VAL A 114 1.14 -30.65 -5.07
CA VAL A 114 1.61 -31.99 -4.71
C VAL A 114 0.50 -32.78 -4.04
N TYR A 123 -9.12 -21.49 -2.35
CA TYR A 123 -8.29 -20.30 -2.13
C TYR A 123 -8.01 -20.18 -0.65
N SER A 124 -6.73 -20.20 -0.30
CA SER A 124 -6.34 -20.01 1.09
C SER A 124 -5.20 -19.01 1.13
N PRO A 125 -5.53 -17.72 1.33
CA PRO A 125 -4.47 -16.71 1.23
C PRO A 125 -3.47 -16.83 2.38
N ALA A 126 -2.19 -16.78 2.04
CA ALA A 126 -1.12 -16.74 3.02
C ALA A 126 0.02 -15.88 2.46
N PRO A 127 -0.13 -14.55 2.53
CA PRO A 127 0.86 -13.63 1.94
C PRO A 127 2.17 -13.58 2.73
N LEU A 128 3.22 -13.03 2.11
CA LEU A 128 4.49 -12.81 2.80
C LEU A 128 4.30 -12.10 4.13
N ASP A 129 4.96 -12.61 5.18
CA ASP A 129 4.99 -11.93 6.46
C ASP A 129 6.10 -10.89 6.45
N LEU A 130 5.73 -9.63 6.31
CA LEU A 130 6.74 -8.57 6.23
C LEU A 130 7.30 -8.17 7.59
N SER A 131 6.78 -8.74 8.68
CA SER A 131 7.36 -8.48 10.00
C SER A 131 8.81 -9.00 10.04
N ASN A 132 9.15 -9.93 9.15
CA ASN A 132 10.51 -10.49 9.08
C ASN A 132 11.45 -9.73 8.14
N VAL A 133 10.98 -8.59 7.64
CA VAL A 133 11.80 -7.82 6.68
C VAL A 133 12.44 -6.63 7.36
N VAL A 134 13.76 -6.50 7.15
CA VAL A 134 14.57 -5.41 7.72
C VAL A 134 14.62 -4.16 6.84
N LEU A 135 14.58 -3.00 7.49
CA LEU A 135 14.77 -1.72 6.79
C LEU A 135 16.02 -1.02 7.33
N SER A 136 16.96 -0.67 6.45
CA SER A 136 18.10 0.18 6.84
C SER A 136 17.62 1.47 7.52
N ARG A 137 18.48 2.11 8.33
CA ARG A 137 18.15 3.41 8.94
C ARG A 137 17.77 4.48 7.88
N GLU A 138 18.44 4.47 6.73
CA GLU A 138 18.08 5.28 5.55
C GLU A 138 16.61 5.05 5.15
N LEU A 139 16.24 3.79 4.97
CA LEU A 139 14.87 3.48 4.53
C LEU A 139 13.84 3.84 5.61
N GLN A 140 14.22 3.75 6.88
CA GLN A 140 13.31 4.15 7.95
C GLN A 140 13.03 5.66 7.93
N GLY A 141 14.04 6.45 7.59
CA GLY A 141 13.86 7.89 7.43
C GLY A 141 12.95 8.18 6.24
N MET A 142 13.10 7.39 5.18
CA MET A 142 12.25 7.52 3.98
C MET A 142 10.79 7.14 4.26
N VAL A 143 10.60 6.10 5.07
CA VAL A 143 9.25 5.76 5.56
C VAL A 143 8.54 6.99 6.14
N GLU A 144 9.23 7.74 6.99
CA GLU A 144 8.64 8.94 7.60
C GLU A 144 8.27 10.03 6.61
N VAL A 145 9.08 10.24 5.58
CA VAL A 145 8.76 11.20 4.51
C VAL A 145 7.47 10.79 3.82
N VAL A 146 7.37 9.51 3.44
CA VAL A 146 6.18 9.00 2.75
C VAL A 146 4.94 9.07 3.66
N ALA A 147 5.09 8.66 4.93
CA ALA A 147 3.96 8.72 5.87
C ALA A 147 3.48 10.16 6.08
N GLU A 148 4.41 11.11 6.21
CA GLU A 148 4.03 12.53 6.35
C GLU A 148 3.28 13.01 5.12
N ASN A 149 3.71 12.57 3.94
CA ASN A 149 3.02 12.95 2.71
C ASN A 149 1.59 12.40 2.64
N TYR A 150 1.39 11.14 3.01
CA TYR A 150 0.02 10.65 3.15
C TYR A 150 -0.83 11.53 4.06
N HIS A 151 -0.27 11.96 5.21
CA HIS A 151 -1.01 12.84 6.11
C HIS A 151 -1.34 14.17 5.42
N ASN A 152 -0.37 14.71 4.70
CA ASN A 152 -0.58 15.99 3.99
C ASN A 152 -1.65 15.92 2.92
N ILE A 153 -1.73 14.78 2.25
CA ILE A 153 -2.77 14.55 1.24
C ILE A 153 -4.16 14.56 1.95
N TRP A 154 -4.27 13.82 3.04
CA TRP A 154 -5.52 13.81 3.81
C TRP A 154 -5.85 15.23 4.32
N ALA A 155 -4.84 15.90 4.84
CA ALA A 155 -5.03 17.21 5.48
C ALA A 155 -5.46 18.28 4.47
N LYS A 156 -4.86 18.25 3.28
CA LYS A 156 -5.28 19.20 2.23
C LYS A 156 -6.73 18.91 1.81
N LYS A 157 -7.07 17.63 1.64
CA LYS A 157 -8.46 17.26 1.40
C LYS A 157 -9.40 17.78 2.50
N LYS A 158 -8.98 17.69 3.77
CA LYS A 158 -9.83 18.14 4.89
C LYS A 158 -9.95 19.68 4.89
N LYS A 159 -8.84 20.36 4.63
CA LYS A 159 -8.83 21.82 4.55
C LYS A 159 -9.80 22.31 3.46
N LEU A 160 -9.75 21.70 2.27
CA LEU A 160 -10.66 22.08 1.19
C LEU A 160 -12.12 21.74 1.51
N GLU A 161 -12.32 20.59 2.16
CA GLU A 161 -13.64 20.22 2.64
C GLU A 161 -14.22 21.24 3.63
N LEU A 162 -13.44 21.60 4.65
CA LEU A 162 -13.82 22.64 5.62
C LEU A 162 -14.12 23.99 4.95
N GLU A 163 -13.27 24.41 4.03
CA GLU A 163 -13.51 25.65 3.29
C GLU A 163 -14.82 25.61 2.47
N SER A 164 -15.15 24.45 1.91
CA SER A 164 -16.40 24.30 1.15
C SER A 164 -17.65 24.48 2.03
N LYS A 165 -17.49 24.25 3.34
CA LYS A 165 -18.55 24.34 4.37
C LYS A 165 -18.66 25.71 5.06
N GLY A 166 -17.94 26.71 4.55
CA GLY A 166 -17.90 28.03 5.19
C GLY A 166 -16.90 28.11 6.34
N GLY A 167 -15.92 27.20 6.33
CA GLY A 167 -14.88 27.22 7.34
C GLY A 167 -15.09 26.22 8.46
N GLY A 168 -14.28 26.33 9.49
CA GLY A 168 -14.31 25.42 10.63
C GLY A 168 -12.94 24.81 10.86
N SER A 169 -12.87 23.96 11.90
CA SER A 169 -11.61 23.39 12.37
C SER A 169 -11.70 21.86 12.35
N HIS A 170 -10.55 21.20 12.36
CA HIS A 170 -10.47 19.75 12.62
C HIS A 170 -9.25 19.45 13.48
N PRO A 171 -9.41 18.59 14.51
CA PRO A 171 -8.29 18.34 15.39
C PRO A 171 -7.03 17.76 14.72
N LEU A 172 -7.16 17.11 13.57
CA LEU A 172 -6.03 16.45 12.90
C LEU A 172 -5.44 17.30 11.76
N LEU A 173 -5.99 18.49 11.56
CA LEU A 173 -5.44 19.40 10.55
C LEU A 173 -4.30 20.17 11.17
N VAL A 174 -3.19 19.46 11.39
CA VAL A 174 -1.98 19.93 12.07
C VAL A 174 -0.79 19.22 11.41
N PRO A 175 0.44 19.74 11.57
CA PRO A 175 1.56 19.04 10.95
C PRO A 175 1.75 17.64 11.49
N TYR A 176 2.18 16.73 10.61
CA TYR A 176 2.46 15.34 10.95
C TYR A 176 3.27 15.17 12.25
N ASP A 177 4.28 16.02 12.46
CA ASP A 177 5.18 15.86 13.62
C ASP A 177 4.47 16.09 14.96
N THR A 178 3.32 16.75 14.93
CA THR A 178 2.54 17.04 16.14
C THR A 178 1.50 15.96 16.46
N LEU A 179 1.33 14.99 15.56
CA LEU A 179 0.43 13.87 15.80
C LEU A 179 0.95 12.90 16.85
N THR A 180 0.03 12.24 17.55
CA THR A 180 0.42 11.16 18.44
C THR A 180 0.83 9.94 17.63
N ALA A 181 1.54 9.00 18.28
CA ALA A 181 1.87 7.73 17.63
C ALA A 181 0.64 7.02 17.05
N ALA A 182 -0.46 6.98 17.82
CA ALA A 182 -1.66 6.29 17.35
C ALA A 182 -2.22 7.00 16.13
N GLU A 183 -2.08 8.32 16.09
CA GLU A 183 -2.58 9.11 14.97
C GLU A 183 -1.75 8.94 13.68
N LYS A 184 -0.46 8.64 13.84
CA LYS A 184 0.45 8.41 12.70
C LYS A 184 0.42 6.96 12.23
N PHE A 185 -0.15 6.08 13.05
CA PHE A 185 0.07 4.65 12.87
C PHE A 185 -0.32 4.12 11.48
N LYS A 186 -1.51 4.47 10.99
CA LYS A 186 -1.99 3.91 9.69
C LYS A 186 -1.12 4.42 8.53
N ASP A 187 -0.72 5.71 8.57
CA ASP A 187 0.12 6.28 7.48
C ASP A 187 1.51 5.61 7.54
N ARG A 188 2.07 5.46 8.75
CA ARG A 188 3.38 4.81 8.91
C ARG A 188 3.33 3.36 8.43
N GLU A 189 2.28 2.65 8.81
CA GLU A 189 2.09 1.25 8.40
C GLU A 189 2.01 1.08 6.89
N LYS A 190 1.22 1.94 6.24
CA LYS A 190 1.11 1.95 4.79
C LYS A 190 2.48 2.16 4.13
N ALA A 191 3.26 3.12 4.62
CA ALA A 191 4.60 3.39 4.07
C ALA A 191 5.55 2.21 4.34
N GLN A 192 5.55 1.70 5.58
CA GLN A 192 6.45 0.61 5.97
C GLN A 192 6.20 -0.64 5.17
N ASP A 193 4.93 -1.00 4.99
CA ASP A 193 4.56 -2.22 4.27
CA ASP A 193 4.56 -2.22 4.27
C ASP A 193 5.07 -2.21 2.84
N LEU A 194 4.91 -1.08 2.17
CA LEU A 194 5.36 -1.00 0.78
C LEU A 194 6.88 -1.10 0.67
N PHE A 195 7.62 -0.31 1.46
CA PHE A 195 9.09 -0.42 1.48
C PHE A 195 9.55 -1.85 1.78
N LYS A 196 8.94 -2.49 2.79
CA LYS A 196 9.31 -3.86 3.13
C LYS A 196 9.04 -4.80 1.96
N PHE A 197 7.93 -4.61 1.26
CA PHE A 197 7.61 -5.46 0.10
C PHE A 197 8.66 -5.29 -1.00
N LEU A 198 9.02 -4.04 -1.28
CA LEU A 198 10.03 -3.75 -2.30
C LEU A 198 11.35 -4.44 -1.96
N GLN A 199 11.75 -4.36 -0.69
CA GLN A 199 12.99 -4.98 -0.17
C GLN A 199 13.11 -6.46 -0.50
N VAL A 200 11.98 -7.16 -0.54
CA VAL A 200 12.03 -8.61 -0.79
C VAL A 200 11.40 -9.03 -2.12
N ASN A 201 11.18 -8.04 -2.99
CA ASN A 201 10.73 -8.26 -4.37
C ASN A 201 11.70 -7.69 -5.38
N GLY A 202 12.97 -7.63 -5.01
CA GLY A 202 14.04 -7.26 -5.94
C GLY A 202 14.10 -5.80 -6.36
N ILE A 203 13.55 -4.91 -5.53
CA ILE A 203 13.57 -3.46 -5.80
C ILE A 203 14.33 -2.73 -4.70
N ILE A 204 15.24 -1.83 -5.08
CA ILE A 204 15.94 -0.98 -4.11
C ILE A 204 15.55 0.49 -4.31
N VAL A 205 15.12 1.13 -3.22
CA VAL A 205 14.85 2.56 -3.26
C VAL A 205 15.99 3.24 -2.52
N SER A 206 16.61 4.24 -3.15
CA SER A 206 17.71 4.97 -2.51
C SER A 206 17.60 6.47 -2.76
N ARG A 207 18.26 7.24 -1.89
CA ARG A 207 18.14 8.71 -1.89
C ARG A 207 18.56 9.31 -3.23
S SO4 B . -12.27 12.01 6.56
O1 SO4 B . -12.19 12.57 7.91
O2 SO4 B . -11.20 11.05 6.34
O3 SO4 B . -13.56 11.36 6.37
O4 SO4 B . -12.13 13.11 5.61
S SO4 C . 6.17 9.00 17.49
O1 SO4 C . 6.73 9.54 18.73
O2 SO4 C . 7.00 9.40 16.35
O3 SO4 C . 6.13 7.55 17.57
O4 SO4 C . 4.82 9.54 17.33
S SO4 D . -13.25 -4.53 5.33
O1 SO4 D . -14.19 -3.42 5.23
O2 SO4 D . -11.88 -4.03 5.32
O3 SO4 D . -13.53 -5.27 6.55
O4 SO4 D . -13.46 -5.45 4.20
C1 GOL E . -17.84 -6.65 5.98
O1 GOL E . -17.21 -6.40 7.24
C2 GOL E . -16.96 -6.04 4.91
O2 GOL E . -15.80 -6.83 4.79
C3 GOL E . -17.67 -5.88 3.56
O3 GOL E . -16.77 -5.38 2.57
C1 GOL F . -4.77 15.64 18.02
O1 GOL F . -5.20 14.71 19.02
C2 GOL F . -3.36 16.15 18.30
O2 GOL F . -2.43 15.08 18.34
C3 GOL F . -2.94 17.16 17.25
O3 GOL F . -1.64 17.63 17.58
C1 GOL G . -9.16 10.65 9.09
O1 GOL G . -10.26 10.31 9.91
C2 GOL G . -7.85 10.13 9.69
O2 GOL G . -7.66 8.81 9.26
C3 GOL G . -6.68 10.99 9.18
O3 GOL G . -5.49 10.59 9.80
#